data_3CX6
#
_entry.id   3CX6
#
_cell.length_a   58.036
_cell.length_b   66.872
_cell.length_c   150.902
_cell.angle_alpha   90.000
_cell.angle_beta   90.000
_cell.angle_gamma   90.000
#
_symmetry.space_group_name_H-M   'P 21 21 21'
#
loop_
_entity.id
_entity.type
_entity.pdbx_description
1 polymer 'Guanine nucleotide-binding protein alpha-13 subunit'
2 polymer 'Rho guanine nucleotide exchange factor 11'
3 non-polymer 'MAGNESIUM ION'
4 non-polymer "GUANOSINE-5'-DIPHOSPHATE"
5 water water
#
loop_
_entity_poly.entity_id
_entity_poly.type
_entity_poly.pdbx_seq_one_letter_code
_entity_poly.pdbx_strand_id
1 'polypeptide(L)'
;GEKTYVKRLVKILLLGAGESGKSTFLKQMRIIHGQDFDQRAREEFRPTIYSNVIKGMRVLVDAREKLHIPWGDNKNQLHG
DKLMAFDTRAPMAAQGMVETRVFLQYLPAIRALWEDSGIQNAYDRRREFQLGESVKYFLDNLDKLGVPDYIPSQQDILLA
RRPTKGIHEYDFEIKNVPFKMVDVGGLRSERKRWFECFDSVTSILFLVSSSEFDQVLMEDRQTNRLTESLNIFETIVNNR
VFSNVSIILFLNKTDLLEEKVQVVSIKDYFLEFEGDPHCLRDVQKFLVECFRGKRRDQQQRPLYHHFTTAINTENIRLVF
RDVKDTILHDNLKQLMLQ
;
A
2 'polypeptide(L)'
;GLIIGPEEDYDPGYFNNESDIIFQDLEKLKSHPAYLVVFLRYILSQADPGPLLFYLCSEVYQQTNPKDSRSLGKDIWNIF
LEKNAPLRVKIPEMLQAEIDLRLRNNEDPRNVLCEAQEAVMLEIQEQINDYRSKRTLGLGSLYGENDLLGLDGDPLRERQ
MAEKQLAALGDILSKYEEDRSAPMDFAVNTFMSHAGIRLRESR
;
B
#
loop_
_chem_comp.id
_chem_comp.type
_chem_comp.name
_chem_comp.formula
GDP RNA linking GUANOSINE-5'-DIPHOSPHATE 'C10 H15 N5 O11 P2'
MG non-polymer 'MAGNESIUM ION' 'Mg 2'
#
# COMPACT_ATOMS: atom_id res chain seq x y z
N ARG A 8 -1.59 22.87 14.80
CA ARG A 8 -2.12 22.82 16.19
C ARG A 8 -2.37 21.36 16.61
N LEU A 9 -2.76 20.54 15.65
CA LEU A 9 -3.02 19.13 15.89
C LEU A 9 -1.95 18.27 15.20
N VAL A 10 -1.61 17.14 15.82
CA VAL A 10 -0.64 16.23 15.25
C VAL A 10 -1.44 15.08 14.66
N LYS A 11 -1.62 15.09 13.36
CA LYS A 11 -2.37 14.07 12.65
C LYS A 11 -1.41 13.03 12.08
N ILE A 12 -1.50 11.81 12.58
CA ILE A 12 -0.65 10.73 12.13
C ILE A 12 -1.44 9.65 11.41
N LEU A 13 -0.95 9.26 10.23
CA LEU A 13 -1.59 8.20 9.45
C LEU A 13 -0.83 6.90 9.61
N LEU A 14 -1.56 5.80 9.79
CA LEU A 14 -0.94 4.48 9.90
C LEU A 14 -1.18 3.81 8.54
N LEU A 15 -0.11 3.63 7.78
CA LEU A 15 -0.21 3.00 6.46
C LEU A 15 0.57 1.69 6.44
N GLY A 16 0.22 0.83 5.48
CA GLY A 16 0.89 -0.45 5.34
C GLY A 16 -0.04 -1.50 4.75
N ALA A 17 0.52 -2.56 4.17
CA ALA A 17 -0.30 -3.60 3.58
C ALA A 17 -1.10 -4.31 4.67
N GLY A 18 -1.97 -5.22 4.25
CA GLY A 18 -2.78 -5.97 5.19
C GLY A 18 -1.97 -6.75 6.21
N GLU A 19 -2.51 -6.86 7.41
CA GLU A 19 -1.86 -7.60 8.48
C GLU A 19 -0.45 -7.13 8.84
N SER A 20 -0.21 -5.82 8.79
CA SER A 20 1.11 -5.32 9.16
C SER A 20 1.14 -4.86 10.60
N GLY A 21 -0.04 -4.66 11.19
CA GLY A 21 -0.13 -4.28 12.58
C GLY A 21 -0.79 -2.96 12.93
N LYS A 22 -1.44 -2.34 11.95
CA LYS A 22 -2.06 -1.05 12.14
C LYS A 22 -3.14 -1.01 13.22
N SER A 23 -4.17 -1.83 13.08
CA SER A 23 -5.24 -1.84 14.09
C SER A 23 -4.69 -2.10 15.50
N THR A 24 -3.61 -2.86 15.57
CA THR A 24 -3.02 -3.20 16.85
C THR A 24 -2.32 -1.98 17.47
N PHE A 25 -1.61 -1.24 16.63
CA PHE A 25 -0.91 -0.04 17.09
C PHE A 25 -1.94 0.94 17.67
N LEU A 26 -3.01 1.15 16.92
CA LEU A 26 -4.11 2.04 17.30
C LEU A 26 -4.64 1.64 18.69
N LYS A 27 -4.75 0.33 18.96
CA LYS A 27 -5.23 -0.15 20.26
C LYS A 27 -4.20 0.17 21.35
N GLN A 28 -2.92 0.18 20.98
CA GLN A 28 -1.89 0.47 21.95
C GLN A 28 -1.99 1.94 22.37
N MET A 29 -2.32 2.80 21.42
CA MET A 29 -2.45 4.21 21.75
C MET A 29 -3.55 4.41 22.80
N ARG A 30 -4.66 3.71 22.63
CA ARG A 30 -5.75 3.83 23.59
C ARG A 30 -5.33 3.30 24.95
N ILE A 31 -4.53 2.23 24.95
CA ILE A 31 -4.04 1.62 26.17
C ILE A 31 -3.01 2.51 26.85
N ILE A 32 -2.07 3.04 26.06
CA ILE A 32 -1.00 3.88 26.60
C ILE A 32 -1.37 5.33 26.88
N HIS A 33 -2.08 5.99 25.97
CA HIS A 33 -2.43 7.40 26.16
C HIS A 33 -3.92 7.71 26.31
N GLY A 34 -4.77 6.73 26.06
CA GLY A 34 -6.20 6.97 26.16
C GLY A 34 -6.83 6.43 27.41
N GLN A 35 -8.10 6.06 27.33
CA GLN A 35 -8.86 5.52 28.46
C GLN A 35 -8.60 4.05 28.75
N ASP A 36 -7.97 3.33 27.82
CA ASP A 36 -7.68 1.90 27.98
C ASP A 36 -8.98 1.11 27.67
N PHE A 37 -8.99 -0.19 27.98
CA PHE A 37 -10.18 -1.01 27.72
C PHE A 37 -10.73 -1.59 29.02
N ASP A 38 -11.88 -1.13 29.48
CA ASP A 38 -12.42 -1.70 30.71
C ASP A 38 -13.07 -3.05 30.42
N GLN A 39 -13.39 -3.79 31.48
CA GLN A 39 -13.98 -5.12 31.34
C GLN A 39 -15.10 -5.20 30.32
N ARG A 40 -15.94 -4.19 30.29
CA ARG A 40 -17.05 -4.18 29.35
C ARG A 40 -16.52 -4.12 27.91
N ALA A 41 -15.63 -3.19 27.64
CA ALA A 41 -15.07 -3.04 26.30
C ALA A 41 -14.26 -4.26 25.87
N ARG A 42 -13.67 -4.98 26.83
CA ARG A 42 -12.90 -6.16 26.47
C ARG A 42 -13.85 -7.31 26.18
N GLU A 43 -14.97 -7.31 26.89
CA GLU A 43 -15.99 -8.34 26.74
C GLU A 43 -16.56 -8.37 25.31
N GLU A 44 -16.50 -7.23 24.61
CA GLU A 44 -17.01 -7.14 23.25
C GLU A 44 -16.10 -7.79 22.23
N PHE A 45 -14.91 -8.19 22.65
CA PHE A 45 -13.98 -8.84 21.73
C PHE A 45 -14.15 -10.33 21.72
N ARG A 46 -14.81 -10.86 22.74
CA ARG A 46 -15.02 -12.29 22.87
C ARG A 46 -15.61 -12.91 21.62
N PRO A 47 -16.68 -12.30 21.07
CA PRO A 47 -17.27 -12.88 19.86
C PRO A 47 -16.26 -12.90 18.71
N THR A 48 -15.38 -11.90 18.68
CA THR A 48 -14.38 -11.83 17.63
C THR A 48 -13.32 -12.91 17.84
N ILE A 49 -12.97 -13.15 19.11
CA ILE A 49 -11.97 -14.14 19.44
C ILE A 49 -12.48 -15.56 19.20
N TYR A 50 -13.74 -15.83 19.54
CA TYR A 50 -14.25 -17.17 19.31
C TYR A 50 -14.36 -17.40 17.81
N SER A 51 -14.54 -16.32 17.06
CA SER A 51 -14.64 -16.43 15.61
C SER A 51 -13.26 -16.66 15.00
N ASN A 52 -12.24 -16.03 15.58
CA ASN A 52 -10.89 -16.22 15.06
C ASN A 52 -10.55 -17.70 15.15
N VAL A 53 -10.79 -18.26 16.34
CA VAL A 53 -10.51 -19.66 16.63
C VAL A 53 -11.23 -20.65 15.72
N ILE A 54 -12.56 -20.53 15.66
CA ILE A 54 -13.32 -21.45 14.84
C ILE A 54 -12.93 -21.37 13.38
N LYS A 55 -12.89 -20.17 12.83
CA LYS A 55 -12.53 -20.00 11.43
C LYS A 55 -11.10 -20.39 11.12
N GLY A 56 -10.18 -20.12 12.05
CA GLY A 56 -8.78 -20.45 11.82
C GLY A 56 -8.58 -21.96 11.82
N MET A 57 -9.30 -22.68 12.67
CA MET A 57 -9.17 -24.12 12.74
C MET A 57 -9.78 -24.74 11.49
N ARG A 58 -10.85 -24.13 10.98
CA ARG A 58 -11.47 -24.67 9.78
C ARG A 58 -10.48 -24.61 8.62
N VAL A 59 -9.72 -23.52 8.56
CA VAL A 59 -8.72 -23.35 7.52
C VAL A 59 -7.66 -24.42 7.69
N LEU A 60 -7.32 -24.73 8.94
CA LEU A 60 -6.32 -25.74 9.22
C LEU A 60 -6.71 -27.14 8.74
N VAL A 61 -7.93 -27.60 9.08
CA VAL A 61 -8.32 -28.94 8.65
C VAL A 61 -8.47 -28.99 7.14
N ASP A 62 -8.89 -27.89 6.55
CA ASP A 62 -9.04 -27.84 5.10
C ASP A 62 -7.67 -27.95 4.42
N ALA A 63 -6.66 -27.32 5.01
CA ALA A 63 -5.32 -27.37 4.45
C ALA A 63 -4.71 -28.75 4.64
N ARG A 64 -5.07 -29.43 5.73
CA ARG A 64 -4.56 -30.77 6.03
C ARG A 64 -5.01 -31.73 4.94
N GLU A 65 -6.25 -31.55 4.51
CA GLU A 65 -6.86 -32.35 3.48
C GLU A 65 -6.27 -32.07 2.10
N LYS A 66 -6.44 -30.84 1.61
CA LYS A 66 -5.97 -30.46 0.29
C LYS A 66 -4.46 -30.52 0.09
N LEU A 67 -3.69 -30.38 1.16
CA LEU A 67 -2.24 -30.47 1.03
C LEU A 67 -1.86 -31.93 1.14
N HIS A 68 -2.87 -32.78 1.34
CA HIS A 68 -2.69 -34.22 1.46
C HIS A 68 -1.87 -34.63 2.66
N ILE A 69 -1.75 -33.75 3.65
CA ILE A 69 -1.02 -34.09 4.86
C ILE A 69 -1.89 -35.10 5.59
N PRO A 70 -1.28 -36.18 6.12
CA PRO A 70 -2.06 -37.21 6.84
C PRO A 70 -2.40 -36.84 8.27
N TRP A 71 -3.50 -37.39 8.76
CA TRP A 71 -3.95 -37.17 10.12
C TRP A 71 -2.91 -37.72 11.07
N GLY A 72 -2.95 -37.25 12.30
CA GLY A 72 -2.05 -37.76 13.31
C GLY A 72 -2.83 -38.91 13.90
N ASP A 73 -4.16 -38.83 13.77
CA ASP A 73 -5.08 -39.85 14.29
C ASP A 73 -6.44 -39.80 13.60
N ASN A 74 -6.74 -40.83 12.82
CA ASN A 74 -8.01 -40.94 12.10
C ASN A 74 -9.28 -40.53 12.86
N LYS A 75 -9.37 -40.86 14.14
CA LYS A 75 -10.57 -40.53 14.90
C LYS A 75 -10.88 -39.05 14.89
N ASN A 76 -9.93 -38.23 14.45
CA ASN A 76 -10.13 -36.79 14.38
C ASN A 76 -10.84 -36.35 13.10
N GLN A 77 -11.09 -37.30 12.20
CA GLN A 77 -11.79 -37.02 10.96
C GLN A 77 -13.19 -36.52 11.31
N LEU A 78 -13.79 -37.11 12.35
CA LEU A 78 -15.13 -36.71 12.78
C LEU A 78 -15.16 -35.27 13.28
N HIS A 79 -14.09 -34.84 13.96
CA HIS A 79 -14.02 -33.49 14.48
C HIS A 79 -13.81 -32.51 13.34
N GLY A 80 -13.02 -32.93 12.35
CA GLY A 80 -12.78 -32.11 11.20
C GLY A 80 -14.09 -31.92 10.45
N ASP A 81 -14.96 -32.94 10.48
CA ASP A 81 -16.25 -32.87 9.80
C ASP A 81 -17.14 -31.84 10.50
N LYS A 82 -17.20 -31.92 11.81
CA LYS A 82 -17.97 -30.99 12.63
C LYS A 82 -17.61 -29.54 12.26
N LEU A 83 -16.31 -29.22 12.29
CA LEU A 83 -15.85 -27.89 11.96
C LEU A 83 -16.19 -27.43 10.54
N MET A 84 -15.94 -28.28 9.55
CA MET A 84 -16.23 -27.91 8.18
C MET A 84 -17.72 -27.63 7.95
N ALA A 85 -18.58 -28.24 8.75
CA ALA A 85 -20.01 -28.04 8.63
C ALA A 85 -20.44 -26.66 9.16
N PHE A 86 -19.55 -25.99 9.87
CA PHE A 86 -19.84 -24.68 10.43
C PHE A 86 -20.01 -23.70 9.26
N ASP A 87 -21.18 -23.06 9.21
CA ASP A 87 -21.51 -22.09 8.14
C ASP A 87 -20.88 -20.73 8.39
N THR A 88 -19.81 -20.46 7.66
CA THR A 88 -19.05 -19.24 7.76
C THR A 88 -19.75 -18.00 7.20
N ARG A 89 -20.74 -18.22 6.34
CA ARG A 89 -21.47 -17.13 5.70
C ARG A 89 -22.78 -16.71 6.36
N ALA A 90 -23.14 -17.38 7.46
CA ALA A 90 -24.36 -17.03 8.17
C ALA A 90 -24.16 -15.61 8.73
N PRO A 91 -25.27 -14.88 9.00
CA PRO A 91 -25.17 -13.51 9.52
C PRO A 91 -24.07 -13.21 10.57
N MET A 92 -24.18 -13.75 11.78
CA MET A 92 -23.15 -13.49 12.80
C MET A 92 -21.74 -13.91 12.37
N ALA A 93 -21.62 -15.09 11.78
CA ALA A 93 -20.34 -15.58 11.33
C ALA A 93 -19.75 -14.69 10.23
N ALA A 94 -20.62 -14.18 9.35
CA ALA A 94 -20.16 -13.34 8.24
C ALA A 94 -19.47 -12.07 8.72
N GLN A 95 -19.87 -11.57 9.89
CA GLN A 95 -19.27 -10.36 10.44
C GLN A 95 -18.19 -10.70 11.49
N GLY A 96 -17.66 -11.92 11.41
CA GLY A 96 -16.61 -12.35 12.32
C GLY A 96 -16.96 -12.44 13.79
N MET A 97 -18.17 -12.93 14.09
CA MET A 97 -18.61 -13.08 15.48
C MET A 97 -19.27 -14.43 15.73
N VAL A 98 -18.98 -15.02 16.89
CA VAL A 98 -19.60 -16.30 17.26
C VAL A 98 -20.04 -16.26 18.72
N GLU A 99 -21.32 -16.47 18.99
CA GLU A 99 -21.86 -16.49 20.36
C GLU A 99 -21.06 -17.46 21.22
N THR A 100 -21.11 -17.27 22.54
CA THR A 100 -20.40 -18.14 23.47
C THR A 100 -20.97 -19.55 23.48
N ARG A 101 -22.30 -19.66 23.42
CA ARG A 101 -22.92 -20.98 23.46
C ARG A 101 -22.55 -21.85 22.27
N VAL A 102 -22.34 -21.24 21.11
CA VAL A 102 -21.96 -21.98 19.91
C VAL A 102 -20.50 -22.39 19.98
N PHE A 103 -19.65 -21.47 20.45
CA PHE A 103 -18.23 -21.74 20.58
C PHE A 103 -18.04 -22.98 21.45
N LEU A 104 -18.71 -23.03 22.58
CA LEU A 104 -18.57 -24.16 23.50
C LEU A 104 -18.95 -25.52 22.90
N GLN A 105 -19.85 -25.55 21.93
CA GLN A 105 -20.26 -26.80 21.31
C GLN A 105 -19.12 -27.34 20.45
N TYR A 106 -18.29 -26.42 19.94
CA TYR A 106 -17.15 -26.79 19.10
C TYR A 106 -15.84 -26.95 19.88
N LEU A 107 -15.83 -26.48 21.12
CA LEU A 107 -14.60 -26.56 21.92
C LEU A 107 -13.97 -27.95 21.93
N PRO A 108 -14.70 -28.97 22.36
CA PRO A 108 -14.15 -30.33 22.39
C PRO A 108 -13.46 -30.75 21.09
N ALA A 109 -14.16 -30.61 19.96
CA ALA A 109 -13.58 -30.97 18.67
C ALA A 109 -12.33 -30.14 18.34
N ILE A 110 -12.39 -28.84 18.60
CA ILE A 110 -11.27 -27.96 18.33
C ILE A 110 -10.04 -28.37 19.14
N ARG A 111 -10.25 -28.72 20.40
CA ARG A 111 -9.15 -29.13 21.26
C ARG A 111 -8.47 -30.40 20.73
N ALA A 112 -9.27 -31.33 20.23
CA ALA A 112 -8.72 -32.57 19.70
C ALA A 112 -7.93 -32.28 18.43
N LEU A 113 -8.53 -31.50 17.55
CA LEU A 113 -7.88 -31.17 16.28
C LEU A 113 -6.53 -30.48 16.49
N TRP A 114 -6.42 -29.67 17.52
CA TRP A 114 -5.16 -28.95 17.80
C TRP A 114 -4.07 -29.82 18.43
N GLU A 115 -4.44 -31.01 18.91
CA GLU A 115 -3.47 -31.94 19.53
C GLU A 115 -2.97 -32.94 18.49
N ASP A 116 -3.59 -32.89 17.31
CA ASP A 116 -3.26 -33.78 16.20
C ASP A 116 -2.02 -33.29 15.44
N SER A 117 -1.05 -34.19 15.23
CA SER A 117 0.18 -33.83 14.54
C SER A 117 -0.05 -33.46 13.08
N GLY A 118 -1.14 -33.94 12.51
CA GLY A 118 -1.43 -33.60 11.12
C GLY A 118 -1.82 -32.14 11.01
N ILE A 119 -2.71 -31.71 11.89
CA ILE A 119 -3.16 -30.33 11.94
C ILE A 119 -2.00 -29.40 12.23
N GLN A 120 -1.10 -29.86 13.11
CA GLN A 120 0.06 -29.07 13.47
C GLN A 120 1.03 -28.92 12.30
N ASN A 121 1.22 -29.99 11.53
CA ASN A 121 2.10 -29.95 10.36
C ASN A 121 1.50 -28.98 9.37
N ALA A 122 0.17 -28.97 9.30
CA ALA A 122 -0.52 -28.06 8.40
C ALA A 122 -0.20 -26.61 8.79
N TYR A 123 -0.17 -26.34 10.09
CA TYR A 123 0.14 -25.01 10.60
C TYR A 123 1.56 -24.60 10.19
N ASP A 124 2.53 -25.50 10.39
CA ASP A 124 3.92 -25.21 10.04
C ASP A 124 4.05 -24.82 8.57
N ARG A 125 3.06 -25.18 7.77
CA ARG A 125 3.10 -24.87 6.35
C ARG A 125 2.10 -23.82 5.92
N ARG A 126 1.62 -23.03 6.88
CA ARG A 126 0.65 -21.97 6.59
C ARG A 126 1.06 -21.03 5.45
N ARG A 127 2.35 -20.86 5.19
CA ARG A 127 2.79 -19.98 4.12
C ARG A 127 2.19 -20.40 2.78
N GLU A 128 1.80 -21.68 2.71
CA GLU A 128 1.22 -22.22 1.49
C GLU A 128 -0.23 -21.79 1.32
N PHE A 129 -0.79 -21.24 2.38
CA PHE A 129 -2.16 -20.74 2.33
C PHE A 129 -2.23 -19.43 3.11
N GLN A 130 -3.37 -19.14 3.71
CA GLN A 130 -3.52 -17.91 4.47
C GLN A 130 -3.99 -18.17 5.91
N LEU A 131 -3.17 -17.79 6.88
CA LEU A 131 -3.53 -17.99 8.28
C LEU A 131 -2.68 -17.16 9.21
N GLY A 132 -3.32 -16.39 10.09
CA GLY A 132 -2.57 -15.58 11.04
C GLY A 132 -2.05 -16.36 12.24
N GLU A 133 -0.82 -16.10 12.65
CA GLU A 133 -0.28 -16.83 13.82
C GLU A 133 -0.97 -16.43 15.12
N SER A 134 -2.01 -15.61 15.03
CA SER A 134 -2.74 -15.24 16.22
C SER A 134 -3.73 -16.35 16.58
N VAL A 135 -4.04 -17.23 15.62
CA VAL A 135 -4.95 -18.33 15.93
C VAL A 135 -4.22 -19.33 16.82
N LYS A 136 -2.90 -19.39 16.66
CA LYS A 136 -2.09 -20.28 17.48
C LYS A 136 -2.14 -19.78 18.93
N TYR A 137 -1.97 -18.48 19.12
CA TYR A 137 -2.02 -17.93 20.46
C TYR A 137 -3.31 -18.35 21.17
N PHE A 138 -4.44 -18.33 20.45
CA PHE A 138 -5.70 -18.71 21.07
C PHE A 138 -5.91 -20.21 21.18
N LEU A 139 -5.41 -20.96 20.21
CA LEU A 139 -5.53 -22.42 20.28
C LEU A 139 -4.72 -22.90 21.48
N ASP A 140 -3.60 -22.24 21.76
CA ASP A 140 -2.78 -22.62 22.92
C ASP A 140 -3.40 -22.16 24.25
N ASN A 141 -4.49 -21.40 24.17
CA ASN A 141 -5.15 -20.90 25.38
C ASN A 141 -6.62 -21.31 25.44
N LEU A 142 -6.96 -22.39 24.74
CA LEU A 142 -8.33 -22.87 24.74
C LEU A 142 -8.88 -23.06 26.15
N ASP A 143 -8.01 -23.46 27.08
CA ASP A 143 -8.46 -23.66 28.46
C ASP A 143 -9.16 -22.44 29.02
N LYS A 144 -8.55 -21.26 28.90
CA LYS A 144 -9.17 -20.05 29.44
C LYS A 144 -10.31 -19.47 28.58
N LEU A 145 -10.33 -19.74 27.28
CA LEU A 145 -11.42 -19.22 26.46
C LEU A 145 -12.64 -20.10 26.71
N GLY A 146 -12.38 -21.36 27.08
CA GLY A 146 -13.44 -22.32 27.34
C GLY A 146 -14.32 -22.02 28.54
N VAL A 147 -13.70 -21.73 29.69
CA VAL A 147 -14.44 -21.43 30.91
C VAL A 147 -15.60 -20.46 30.69
N PRO A 148 -16.78 -20.78 31.26
CA PRO A 148 -18.01 -20.00 31.16
C PRO A 148 -17.95 -18.47 31.32
N ASP A 149 -17.27 -17.97 32.34
CA ASP A 149 -17.17 -16.52 32.58
C ASP A 149 -15.87 -15.90 32.05
N TYR A 150 -15.46 -16.33 30.87
CA TYR A 150 -14.23 -15.83 30.26
C TYR A 150 -14.33 -14.38 29.81
N ILE A 151 -13.37 -13.58 30.24
CA ILE A 151 -13.28 -12.19 29.83
C ILE A 151 -11.89 -12.00 29.23
N PRO A 152 -11.82 -11.61 27.94
CA PRO A 152 -10.54 -11.40 27.25
C PRO A 152 -9.61 -10.42 27.99
N SER A 153 -8.35 -10.81 28.14
CA SER A 153 -7.37 -9.96 28.82
C SER A 153 -6.94 -8.86 27.84
N GLN A 154 -6.12 -7.93 28.32
CA GLN A 154 -5.64 -6.85 27.46
C GLN A 154 -4.86 -7.51 26.32
N GLN A 155 -3.96 -8.42 26.68
CA GLN A 155 -3.15 -9.13 25.70
C GLN A 155 -4.02 -9.88 24.68
N ASP A 156 -5.17 -10.39 25.12
CA ASP A 156 -6.10 -11.09 24.25
C ASP A 156 -6.66 -10.09 23.22
N ILE A 157 -7.11 -8.94 23.72
CA ILE A 157 -7.67 -7.87 22.89
C ILE A 157 -6.70 -7.44 21.81
N LEU A 158 -5.42 -7.33 22.18
CA LEU A 158 -4.40 -6.92 21.24
C LEU A 158 -4.20 -7.97 20.16
N LEU A 159 -4.38 -9.23 20.51
CA LEU A 159 -4.19 -10.32 19.55
C LEU A 159 -5.42 -10.62 18.69
N ALA A 160 -6.60 -10.30 19.20
CA ALA A 160 -7.84 -10.51 18.45
C ALA A 160 -7.67 -9.84 17.10
N ARG A 161 -8.14 -10.50 16.05
CA ARG A 161 -8.00 -9.97 14.71
C ARG A 161 -9.31 -9.59 14.04
N ARG A 162 -9.50 -8.30 13.81
CA ARG A 162 -10.70 -7.80 13.14
C ARG A 162 -10.23 -7.03 11.89
N PRO A 163 -10.75 -7.38 10.70
CA PRO A 163 -10.33 -6.67 9.49
C PRO A 163 -10.68 -5.19 9.65
N THR A 164 -10.00 -4.32 8.92
CA THR A 164 -10.31 -2.91 9.03
C THR A 164 -10.88 -2.37 7.72
N LYS A 165 -12.16 -2.64 7.50
CA LYS A 165 -12.84 -2.14 6.31
C LYS A 165 -13.42 -0.83 6.81
N GLY A 166 -12.87 0.28 6.35
CA GLY A 166 -13.36 1.56 6.81
C GLY A 166 -12.24 2.37 7.40
N ILE A 167 -12.55 3.56 7.87
CA ILE A 167 -11.54 4.42 8.44
C ILE A 167 -11.79 4.67 9.91
N HIS A 168 -10.86 4.19 10.74
CA HIS A 168 -10.95 4.37 12.18
C HIS A 168 -10.05 5.51 12.59
N GLU A 169 -10.61 6.41 13.37
CA GLU A 169 -9.87 7.57 13.82
C GLU A 169 -9.84 7.54 15.34
N TYR A 170 -8.70 7.82 15.93
CA TYR A 170 -8.60 7.84 17.39
C TYR A 170 -7.90 9.09 17.89
N ASP A 171 -8.55 9.81 18.80
CA ASP A 171 -8.01 11.05 19.35
C ASP A 171 -7.47 10.89 20.75
N PHE A 172 -6.29 11.41 21.01
CA PHE A 172 -5.71 11.35 22.34
C PHE A 172 -4.81 12.52 22.61
N GLU A 173 -4.34 12.64 23.85
CA GLU A 173 -3.47 13.75 24.23
C GLU A 173 -2.25 13.28 25.00
N ILE A 174 -1.17 14.03 24.84
CA ILE A 174 0.10 13.74 25.52
C ILE A 174 0.73 15.09 25.90
N LYS A 175 0.81 15.35 27.20
CA LYS A 175 1.37 16.59 27.73
C LYS A 175 0.77 17.83 27.05
N ASN A 176 -0.55 17.91 27.02
CA ASN A 176 -1.24 19.04 26.41
C ASN A 176 -1.14 19.16 24.88
N VAL A 177 -0.72 18.10 24.19
CA VAL A 177 -0.63 18.15 22.73
C VAL A 177 -1.68 17.25 22.10
N PRO A 178 -2.68 17.83 21.41
CA PRO A 178 -3.73 17.03 20.80
C PRO A 178 -3.17 16.14 19.68
N PHE A 179 -3.60 14.89 19.65
CA PHE A 179 -3.15 13.94 18.64
C PHE A 179 -4.34 13.27 18.00
N LYS A 180 -4.22 12.98 16.71
CA LYS A 180 -5.28 12.26 16.00
C LYS A 180 -4.61 11.20 15.14
N MET A 181 -4.85 9.93 15.46
CA MET A 181 -4.27 8.84 14.69
C MET A 181 -5.34 8.19 13.82
N VAL A 182 -4.98 7.97 12.56
CA VAL A 182 -5.91 7.39 11.60
C VAL A 182 -5.44 6.04 11.10
N ASP A 183 -6.33 5.06 11.15
CA ASP A 183 -6.04 3.71 10.69
C ASP A 183 -6.96 3.35 9.53
N VAL A 184 -6.39 3.01 8.38
CA VAL A 184 -7.17 2.58 7.23
C VAL A 184 -6.80 1.13 6.94
N GLY A 185 -7.61 0.43 6.17
CA GLY A 185 -7.27 -0.95 5.84
C GLY A 185 -6.08 -1.00 4.91
N GLY A 186 -5.40 -2.14 4.86
CA GLY A 186 -4.25 -2.25 3.99
C GLY A 186 -4.36 -3.27 2.88
N LEU A 187 -5.55 -3.85 2.75
CA LEU A 187 -5.79 -4.82 1.70
C LEU A 187 -5.87 -3.97 0.42
N ARG A 188 -5.46 -4.52 -0.72
CA ARG A 188 -5.50 -3.77 -1.98
C ARG A 188 -6.80 -3.02 -2.20
N SER A 189 -7.92 -3.71 -1.96
CA SER A 189 -9.24 -3.11 -2.16
C SER A 189 -9.56 -1.98 -1.21
N GLU A 190 -8.88 -1.95 -0.07
CA GLU A 190 -9.14 -0.91 0.92
C GLU A 190 -8.36 0.38 0.67
N ARG A 191 -7.17 0.25 0.09
CA ARG A 191 -6.31 1.39 -0.21
C ARG A 191 -6.89 2.52 -1.05
N LYS A 192 -7.93 2.23 -1.82
CA LYS A 192 -8.56 3.24 -2.67
C LYS A 192 -9.13 4.36 -1.82
N ARG A 193 -9.18 4.15 -0.51
CA ARG A 193 -9.70 5.14 0.39
C ARG A 193 -8.60 5.97 1.05
N TRP A 194 -7.35 5.57 0.86
CA TRP A 194 -6.23 6.25 1.53
C TRP A 194 -6.15 7.74 1.24
N PHE A 195 -6.68 8.15 0.10
CA PHE A 195 -6.63 9.55 -0.31
C PHE A 195 -7.55 10.48 0.45
N GLU A 196 -8.52 9.90 1.15
CA GLU A 196 -9.48 10.70 1.91
C GLU A 196 -8.90 11.22 3.21
N CYS A 197 -7.78 10.66 3.65
CA CYS A 197 -7.19 11.07 4.93
C CYS A 197 -5.92 11.89 4.88
N PHE A 198 -5.49 12.31 3.71
CA PHE A 198 -4.26 13.07 3.59
C PHE A 198 -4.27 14.57 3.85
N ASP A 199 -5.41 15.10 4.27
CA ASP A 199 -5.50 16.53 4.55
C ASP A 199 -4.87 16.85 5.92
N SER A 200 -3.87 17.73 5.92
CA SER A 200 -3.21 18.19 7.15
C SER A 200 -2.41 17.12 7.90
N VAL A 201 -1.90 16.13 7.18
CA VAL A 201 -1.13 15.08 7.83
C VAL A 201 0.24 15.57 8.24
N THR A 202 0.59 15.34 9.49
CA THR A 202 1.86 15.76 10.04
C THR A 202 2.92 14.67 9.87
N SER A 203 2.50 13.43 10.09
CA SER A 203 3.41 12.31 10.00
C SER A 203 2.71 11.03 9.57
N ILE A 204 3.48 10.13 8.96
CA ILE A 204 2.98 8.85 8.50
C ILE A 204 3.85 7.77 9.15
N LEU A 205 3.19 6.78 9.76
CA LEU A 205 3.90 5.68 10.38
C LEU A 205 3.65 4.51 9.43
N PHE A 206 4.69 4.06 8.73
CA PHE A 206 4.57 3.00 7.75
C PHE A 206 4.94 1.68 8.41
N LEU A 207 3.96 0.81 8.58
CA LEU A 207 4.21 -0.47 9.22
C LEU A 207 4.41 -1.61 8.24
N VAL A 208 5.34 -2.49 8.61
CA VAL A 208 5.66 -3.65 7.80
C VAL A 208 5.86 -4.87 8.67
N SER A 209 5.26 -5.99 8.28
CA SER A 209 5.47 -7.22 9.03
C SER A 209 6.83 -7.73 8.58
N SER A 210 7.84 -7.58 9.41
CA SER A 210 9.18 -8.01 9.05
C SER A 210 9.32 -9.49 8.75
N SER A 211 8.35 -10.30 9.18
CA SER A 211 8.41 -11.73 8.97
C SER A 211 7.59 -12.29 7.81
N GLU A 212 7.11 -11.40 6.95
CA GLU A 212 6.29 -11.79 5.81
C GLU A 212 7.07 -12.12 4.53
N PHE A 213 8.40 -12.20 4.64
CA PHE A 213 9.22 -12.47 3.46
C PHE A 213 8.97 -13.81 2.78
N ASP A 214 8.39 -14.77 3.49
CA ASP A 214 8.12 -16.09 2.92
C ASP A 214 6.65 -16.31 2.57
N GLN A 215 5.84 -15.25 2.66
CA GLN A 215 4.41 -15.34 2.38
C GLN A 215 3.98 -14.60 1.12
N VAL A 216 2.78 -14.91 0.65
CA VAL A 216 2.21 -14.28 -0.52
C VAL A 216 0.94 -13.57 -0.09
N LEU A 217 0.52 -12.59 -0.88
CA LEU A 217 -0.66 -11.80 -0.57
C LEU A 217 -1.94 -12.62 -0.47
N MET A 218 -2.89 -12.11 0.29
CA MET A 218 -4.16 -12.77 0.48
C MET A 218 -5.04 -12.39 -0.71
N GLU A 219 -4.79 -11.20 -1.25
CA GLU A 219 -5.53 -10.68 -2.40
C GLU A 219 -5.37 -11.63 -3.59
N ASP A 220 -4.14 -11.80 -4.04
CA ASP A 220 -3.83 -12.72 -5.13
C ASP A 220 -2.75 -13.58 -4.50
N ARG A 221 -3.04 -14.86 -4.30
CA ARG A 221 -2.07 -15.74 -3.65
C ARG A 221 -0.86 -16.08 -4.49
N GLN A 222 -0.28 -15.06 -5.12
CA GLN A 222 0.88 -15.24 -6.00
C GLN A 222 1.91 -14.13 -5.88
N THR A 223 1.62 -13.08 -5.11
CA THR A 223 2.56 -11.98 -4.95
C THR A 223 3.19 -11.94 -3.57
N ASN A 224 4.51 -11.87 -3.53
CA ASN A 224 5.23 -11.85 -2.25
C ASN A 224 4.83 -10.64 -1.38
N ARG A 225 4.61 -10.90 -0.09
CA ARG A 225 4.20 -9.85 0.86
C ARG A 225 5.19 -8.71 1.03
N LEU A 226 6.46 -9.04 1.23
CA LEU A 226 7.46 -8.00 1.40
C LEU A 226 7.52 -7.14 0.14
N THR A 227 7.45 -7.80 -1.01
CA THR A 227 7.49 -7.14 -2.31
C THR A 227 6.37 -6.09 -2.41
N GLU A 228 5.17 -6.48 -1.99
CA GLU A 228 4.01 -5.60 -2.00
C GLU A 228 4.30 -4.41 -1.08
N SER A 229 4.82 -4.68 0.12
CA SER A 229 5.13 -3.62 1.07
C SER A 229 6.11 -2.62 0.46
N LEU A 230 7.18 -3.12 -0.14
CA LEU A 230 8.20 -2.28 -0.77
C LEU A 230 7.60 -1.42 -1.89
N ASN A 231 6.73 -2.00 -2.70
CA ASN A 231 6.13 -1.21 -3.78
C ASN A 231 5.20 -0.19 -3.20
N ILE A 232 4.61 -0.51 -2.05
CA ILE A 232 3.71 0.45 -1.45
C ILE A 232 4.50 1.61 -0.92
N PHE A 233 5.53 1.30 -0.14
CA PHE A 233 6.38 2.29 0.45
C PHE A 233 6.95 3.21 -0.63
N GLU A 234 7.35 2.59 -1.74
CA GLU A 234 7.94 3.29 -2.88
C GLU A 234 7.03 4.41 -3.39
N THR A 235 5.76 4.10 -3.59
CA THR A 235 4.85 5.12 -4.10
C THR A 235 4.53 6.20 -3.07
N ILE A 236 4.63 5.89 -1.79
CA ILE A 236 4.36 6.87 -0.75
C ILE A 236 5.57 7.78 -0.52
N VAL A 237 6.73 7.15 -0.28
CA VAL A 237 7.96 7.87 -0.02
C VAL A 237 8.51 8.76 -1.15
N ASN A 238 8.11 8.50 -2.39
CA ASN A 238 8.60 9.31 -3.51
C ASN A 238 7.56 10.31 -4.02
N ASN A 239 6.41 10.37 -3.37
CA ASN A 239 5.36 11.30 -3.75
C ASN A 239 5.76 12.66 -3.18
N ARG A 240 6.05 13.61 -4.07
CA ARG A 240 6.45 14.96 -3.64
C ARG A 240 5.44 15.65 -2.76
N VAL A 241 4.15 15.33 -2.90
CA VAL A 241 3.13 15.96 -2.08
C VAL A 241 3.39 15.72 -0.60
N PHE A 242 4.09 14.63 -0.31
CA PHE A 242 4.43 14.27 1.07
C PHE A 242 5.86 14.71 1.40
N SER A 243 6.36 15.67 0.64
CA SER A 243 7.71 16.20 0.82
C SER A 243 8.00 16.73 2.23
N ASN A 244 6.99 17.34 2.85
CA ASN A 244 7.14 17.88 4.20
C ASN A 244 6.45 17.02 5.25
N VAL A 245 6.15 15.77 4.91
CA VAL A 245 5.52 14.86 5.86
C VAL A 245 6.56 13.93 6.43
N SER A 246 6.48 13.68 7.73
CA SER A 246 7.44 12.77 8.36
C SER A 246 7.01 11.34 8.06
N ILE A 247 7.90 10.57 7.46
CA ILE A 247 7.61 9.17 7.15
C ILE A 247 8.45 8.33 8.10
N ILE A 248 7.81 7.58 8.99
CA ILE A 248 8.57 6.73 9.90
C ILE A 248 8.26 5.28 9.63
N LEU A 249 9.32 4.50 9.50
CA LEU A 249 9.19 3.09 9.19
C LEU A 249 9.26 2.15 10.38
N PHE A 250 8.23 1.32 10.52
CA PHE A 250 8.13 0.35 11.59
C PHE A 250 8.30 -1.05 11.04
N LEU A 251 9.32 -1.76 11.49
CA LEU A 251 9.50 -3.14 11.06
C LEU A 251 8.85 -3.91 12.19
N ASN A 252 7.54 -4.08 12.10
CA ASN A 252 6.73 -4.75 13.11
C ASN A 252 6.91 -6.27 13.11
N LYS A 253 6.30 -6.92 14.09
CA LYS A 253 6.40 -8.37 14.24
C LYS A 253 7.84 -8.85 14.33
N THR A 254 8.65 -8.12 15.09
CA THR A 254 10.06 -8.44 15.31
C THR A 254 10.14 -9.76 16.04
N ASP A 255 9.21 -9.98 16.96
CA ASP A 255 9.18 -11.21 17.73
C ASP A 255 8.95 -12.43 16.83
N LEU A 256 8.15 -12.26 15.78
CA LEU A 256 7.90 -13.37 14.87
C LEU A 256 9.09 -13.61 13.97
N LEU A 257 9.76 -12.54 13.56
CA LEU A 257 10.91 -12.67 12.69
C LEU A 257 11.99 -13.43 13.43
N GLU A 258 12.09 -13.15 14.72
CA GLU A 258 13.08 -13.79 15.57
C GLU A 258 12.88 -15.29 15.61
N GLU A 259 11.64 -15.73 15.46
CA GLU A 259 11.33 -17.16 15.45
C GLU A 259 11.59 -17.71 14.06
N LYS A 260 11.04 -17.03 13.06
CA LYS A 260 11.15 -17.45 11.67
C LYS A 260 12.56 -17.61 11.09
N VAL A 261 13.45 -16.64 11.31
CA VAL A 261 14.81 -16.74 10.78
C VAL A 261 15.50 -18.07 11.13
N GLN A 262 15.05 -18.72 12.19
CA GLN A 262 15.64 -19.98 12.61
C GLN A 262 15.16 -21.25 11.89
N VAL A 263 14.08 -21.14 11.12
CA VAL A 263 13.59 -22.31 10.41
C VAL A 263 13.41 -22.06 8.93
N VAL A 264 13.46 -20.79 8.53
CA VAL A 264 13.30 -20.40 7.13
C VAL A 264 14.40 -19.41 6.79
N SER A 265 14.82 -19.38 5.54
CA SER A 265 15.87 -18.46 5.12
C SER A 265 15.35 -17.48 4.07
N ILE A 266 15.52 -16.19 4.38
CA ILE A 266 15.08 -15.13 3.47
C ILE A 266 15.84 -15.28 2.14
N LYS A 267 16.97 -15.95 2.21
CA LYS A 267 17.81 -16.19 1.04
C LYS A 267 17.01 -16.88 -0.05
N ASP A 268 16.13 -17.80 0.35
CA ASP A 268 15.31 -18.54 -0.60
C ASP A 268 14.23 -17.70 -1.29
N TYR A 269 14.05 -16.46 -0.84
CA TYR A 269 13.04 -15.59 -1.45
C TYR A 269 13.65 -14.35 -2.06
N PHE A 270 14.77 -13.91 -1.52
CA PHE A 270 15.46 -12.73 -2.04
C PHE A 270 16.97 -12.95 -2.16
N LEU A 271 17.41 -13.20 -3.39
CA LEU A 271 18.82 -13.46 -3.69
C LEU A 271 19.74 -12.37 -3.16
N GLU A 272 19.39 -11.11 -3.42
CA GLU A 272 20.17 -9.96 -2.97
C GLU A 272 20.76 -10.16 -1.58
N PHE A 273 20.12 -10.98 -0.77
CA PHE A 273 20.57 -11.23 0.60
C PHE A 273 21.93 -11.89 0.69
N GLU A 274 22.80 -11.32 1.52
CA GLU A 274 24.13 -11.87 1.77
C GLU A 274 24.43 -11.65 3.25
N GLY A 275 24.53 -12.75 3.99
CA GLY A 275 24.79 -12.68 5.40
C GLY A 275 24.22 -13.92 6.04
N ASP A 276 24.20 -13.97 7.36
CA ASP A 276 23.67 -15.13 8.05
C ASP A 276 22.14 -15.10 8.12
N PRO A 277 21.46 -15.94 7.33
CA PRO A 277 20.00 -15.97 7.33
C PRO A 277 19.45 -16.49 8.66
N HIS A 278 20.31 -17.09 9.47
CA HIS A 278 19.89 -17.61 10.77
C HIS A 278 20.05 -16.53 11.84
N CYS A 279 20.57 -15.37 11.44
CA CYS A 279 20.79 -14.26 12.37
C CYS A 279 19.80 -13.08 12.21
N LEU A 280 19.11 -12.76 13.30
CA LEU A 280 18.14 -11.68 13.31
C LEU A 280 18.70 -10.32 12.87
N ARG A 281 19.84 -9.91 13.44
CA ARG A 281 20.45 -8.64 13.07
C ARG A 281 20.77 -8.54 11.58
N ASP A 282 21.22 -9.64 10.99
CA ASP A 282 21.56 -9.64 9.57
C ASP A 282 20.33 -9.44 8.67
N VAL A 283 19.25 -10.14 9.01
CA VAL A 283 18.04 -10.01 8.22
C VAL A 283 17.38 -8.65 8.43
N GLN A 284 17.40 -8.15 9.66
CA GLN A 284 16.81 -6.83 9.92
C GLN A 284 17.48 -5.73 9.11
N LYS A 285 18.81 -5.78 8.96
CA LYS A 285 19.51 -4.77 8.20
C LYS A 285 19.16 -4.84 6.72
N PHE A 286 19.09 -6.05 6.19
CA PHE A 286 18.74 -6.25 4.80
C PHE A 286 17.36 -5.63 4.55
N LEU A 287 16.40 -5.91 5.43
CA LEU A 287 15.05 -5.35 5.29
C LEU A 287 15.12 -3.84 5.26
N VAL A 288 15.81 -3.27 6.24
CA VAL A 288 15.96 -1.82 6.32
C VAL A 288 16.55 -1.23 5.03
N GLU A 289 17.65 -1.80 4.54
CA GLU A 289 18.30 -1.33 3.31
C GLU A 289 17.33 -1.40 2.15
N CYS A 290 16.54 -2.47 2.12
CA CYS A 290 15.56 -2.67 1.07
C CYS A 290 14.57 -1.52 1.00
N PHE A 291 14.12 -1.02 2.15
CA PHE A 291 13.17 0.09 2.15
C PHE A 291 13.84 1.43 1.87
N ARG A 292 15.05 1.63 2.38
CA ARG A 292 15.75 2.88 2.08
C ARG A 292 16.09 2.88 0.59
N GLY A 293 16.50 1.72 0.09
CA GLY A 293 16.84 1.61 -1.32
C GLY A 293 15.76 2.13 -2.24
N LYS A 294 14.51 2.18 -1.77
CA LYS A 294 13.42 2.65 -2.61
C LYS A 294 13.28 4.17 -2.77
N ARG A 295 13.93 4.92 -1.87
CA ARG A 295 13.89 6.39 -1.90
C ARG A 295 14.64 6.99 -3.09
N ARG A 296 14.17 8.16 -3.54
CA ARG A 296 14.75 8.88 -4.67
C ARG A 296 14.91 10.37 -4.38
N ASP A 297 15.87 10.76 -3.55
CA ASP A 297 16.06 12.18 -3.25
C ASP A 297 17.49 12.64 -3.51
N ARG A 301 15.94 15.29 3.75
CA ARG A 301 14.90 14.33 4.13
C ARG A 301 15.52 13.02 4.62
N PRO A 302 15.46 12.75 5.94
CA PRO A 302 16.01 11.51 6.50
C PRO A 302 14.90 10.50 6.76
N LEU A 303 15.28 9.24 6.94
CA LEU A 303 14.30 8.19 7.20
C LEU A 303 14.59 7.44 8.49
N TYR A 304 13.76 7.67 9.50
CA TYR A 304 13.95 7.00 10.78
C TYR A 304 13.19 5.67 10.78
N HIS A 305 13.76 4.64 11.42
CA HIS A 305 13.11 3.34 11.46
C HIS A 305 13.10 2.77 12.87
N HIS A 306 12.23 1.80 13.11
CA HIS A 306 12.09 1.16 14.42
C HIS A 306 11.70 -0.31 14.29
N PHE A 307 12.32 -1.17 15.10
CA PHE A 307 12.00 -2.59 15.10
C PHE A 307 10.98 -2.72 16.23
N THR A 308 9.74 -3.03 15.87
CA THR A 308 8.67 -3.11 16.86
C THR A 308 7.98 -4.46 16.99
N THR A 309 7.15 -4.53 18.03
CA THR A 309 6.33 -5.70 18.34
C THR A 309 5.02 -5.07 18.83
N ALA A 310 4.15 -4.78 17.88
CA ALA A 310 2.87 -4.13 18.15
C ALA A 310 2.06 -4.68 19.32
N ILE A 311 2.12 -5.99 19.54
CA ILE A 311 1.36 -6.56 20.65
C ILE A 311 2.05 -6.35 22.01
N ASN A 312 3.26 -5.83 22.02
CA ASN A 312 3.97 -5.60 23.26
C ASN A 312 3.77 -4.16 23.73
N THR A 313 2.93 -3.97 24.73
CA THR A 313 2.63 -2.64 25.23
C THR A 313 3.86 -1.84 25.65
N GLU A 314 4.73 -2.45 26.44
CA GLU A 314 5.95 -1.75 26.88
C GLU A 314 6.86 -1.33 25.74
N ASN A 315 6.93 -2.14 24.70
CA ASN A 315 7.77 -1.83 23.55
C ASN A 315 7.19 -0.67 22.74
N ILE A 316 5.86 -0.62 22.65
CA ILE A 316 5.22 0.43 21.90
C ILE A 316 5.24 1.71 22.71
N ARG A 317 5.31 1.58 24.03
CA ARG A 317 5.34 2.75 24.89
C ARG A 317 6.61 3.56 24.66
N LEU A 318 7.76 2.88 24.63
CA LEU A 318 9.01 3.59 24.44
C LEU A 318 9.29 3.96 22.99
N VAL A 319 8.86 3.14 22.04
CA VAL A 319 9.07 3.46 20.65
C VAL A 319 8.30 4.74 20.31
N PHE A 320 7.06 4.82 20.75
CA PHE A 320 6.26 6.01 20.44
C PHE A 320 6.86 7.25 21.07
N ARG A 321 7.57 7.07 22.18
CA ARG A 321 8.23 8.17 22.86
C ARG A 321 9.18 8.80 21.85
N ASP A 322 9.93 7.97 21.14
CA ASP A 322 10.87 8.47 20.14
C ASP A 322 10.12 9.07 18.95
N VAL A 323 9.04 8.42 18.54
CA VAL A 323 8.26 8.91 17.43
C VAL A 323 7.73 10.31 17.73
N LYS A 324 7.14 10.48 18.91
CA LYS A 324 6.60 11.77 19.32
C LYS A 324 7.67 12.88 19.29
N ASP A 325 8.83 12.62 19.88
CA ASP A 325 9.88 13.64 19.88
C ASP A 325 10.39 13.90 18.47
N THR A 326 10.44 12.87 17.64
CA THR A 326 10.89 13.03 16.25
C THR A 326 9.93 13.97 15.52
N ILE A 327 8.65 13.60 15.53
CA ILE A 327 7.62 14.39 14.88
C ILE A 327 7.57 15.78 15.49
N LEU A 328 7.58 15.86 16.81
CA LEU A 328 7.51 17.15 17.48
C LEU A 328 8.72 18.05 17.22
N HIS A 329 9.76 17.51 16.62
CA HIS A 329 10.93 18.34 16.31
C HIS A 329 11.09 18.53 14.81
N ASP A 330 9.96 18.50 14.10
CA ASP A 330 9.93 18.71 12.66
C ASP A 330 8.84 19.75 12.37
N LEU B 2 -6.81 -23.29 -4.06
CA LEU B 2 -7.64 -24.04 -3.08
C LEU B 2 -7.11 -23.83 -1.67
N ILE B 3 -7.93 -24.20 -0.70
CA ILE B 3 -7.66 -24.06 0.72
C ILE B 3 -8.26 -22.71 1.09
N ILE B 4 -9.40 -22.77 1.73
CA ILE B 4 -10.16 -21.60 2.15
C ILE B 4 -9.38 -20.54 2.94
N GLY B 5 -9.80 -19.28 2.80
CA GLY B 5 -9.17 -18.20 3.52
C GLY B 5 -9.93 -17.96 4.81
N PRO B 6 -9.28 -17.42 5.86
CA PRO B 6 -9.97 -17.18 7.14
C PRO B 6 -10.86 -15.95 7.11
N GLU B 7 -10.58 -15.02 6.20
CA GLU B 7 -11.33 -13.78 6.09
C GLU B 7 -12.03 -13.63 4.75
N GLU B 8 -11.24 -13.46 3.69
CA GLU B 8 -11.74 -13.29 2.33
C GLU B 8 -12.77 -12.17 2.22
N GLU B 18 -12.57 -2.64 -18.71
CA GLU B 18 -11.93 -1.81 -17.69
C GLU B 18 -11.32 -0.54 -18.31
N SER B 19 -10.70 0.27 -17.45
CA SER B 19 -10.07 1.49 -17.91
C SER B 19 -8.59 1.22 -18.14
N ASP B 20 -8.16 0.00 -17.85
CA ASP B 20 -6.78 -0.37 -18.05
C ASP B 20 -6.45 -0.19 -19.53
N ILE B 21 -7.47 -0.30 -20.37
CA ILE B 21 -7.31 -0.14 -21.82
C ILE B 21 -6.91 1.29 -22.16
N ILE B 22 -7.52 2.25 -21.48
CA ILE B 22 -7.21 3.66 -21.72
C ILE B 22 -5.85 4.05 -21.13
N PHE B 23 -5.55 3.56 -19.92
CA PHE B 23 -4.29 3.89 -19.26
C PHE B 23 -3.02 3.23 -19.81
N GLN B 24 -3.16 2.13 -20.54
CA GLN B 24 -1.98 1.46 -21.08
C GLN B 24 -1.54 1.94 -22.46
N ASP B 25 -2.43 2.67 -23.14
CA ASP B 25 -2.15 3.17 -24.48
C ASP B 25 -2.15 4.69 -24.55
N LEU B 26 -1.05 5.26 -25.02
CA LEU B 26 -0.90 6.70 -25.11
C LEU B 26 -1.83 7.40 -26.10
N GLU B 27 -2.18 6.73 -27.20
CA GLU B 27 -3.07 7.38 -28.16
C GLU B 27 -4.50 7.51 -27.67
N LYS B 28 -4.98 6.54 -26.89
CA LYS B 28 -6.34 6.64 -26.37
C LYS B 28 -6.36 7.39 -25.05
N LEU B 29 -5.19 7.58 -24.46
CA LEU B 29 -5.07 8.33 -23.22
C LEU B 29 -5.06 9.82 -23.55
N LYS B 30 -4.55 10.14 -24.75
CA LYS B 30 -4.51 11.53 -25.23
C LYS B 30 -5.91 12.01 -25.57
N SER B 31 -6.77 11.10 -26.02
CA SER B 31 -8.14 11.47 -26.38
C SER B 31 -9.07 11.54 -25.17
N HIS B 32 -8.58 11.05 -24.03
CA HIS B 32 -9.35 11.08 -22.79
C HIS B 32 -8.69 11.98 -21.78
N PRO B 33 -8.87 13.29 -21.94
CA PRO B 33 -8.32 14.34 -21.07
C PRO B 33 -8.46 14.10 -19.57
N ALA B 34 -9.58 13.51 -19.16
CA ALA B 34 -9.79 13.25 -17.74
C ALA B 34 -8.79 12.21 -17.26
N TYR B 35 -8.57 11.20 -18.08
CA TYR B 35 -7.62 10.15 -17.75
C TYR B 35 -6.19 10.68 -17.83
N LEU B 36 -5.93 11.54 -18.82
CA LEU B 36 -4.60 12.12 -18.98
C LEU B 36 -4.22 12.95 -17.76
N VAL B 37 -5.12 13.83 -17.32
CA VAL B 37 -4.87 14.68 -16.17
C VAL B 37 -4.47 13.85 -14.95
N VAL B 38 -5.09 12.69 -14.78
CA VAL B 38 -4.77 11.81 -13.65
C VAL B 38 -3.35 11.28 -13.82
N PHE B 39 -3.01 10.92 -15.05
CA PHE B 39 -1.68 10.42 -15.33
C PHE B 39 -0.63 11.54 -15.16
N LEU B 40 -0.98 12.77 -15.53
CA LEU B 40 -0.05 13.91 -15.39
C LEU B 40 0.21 14.17 -13.92
N ARG B 41 -0.80 13.84 -13.11
CA ARG B 41 -0.71 14.01 -11.67
C ARG B 41 0.34 13.03 -11.14
N TYR B 42 0.24 11.77 -11.54
CA TYR B 42 1.20 10.77 -11.11
C TYR B 42 2.60 11.18 -11.54
N ILE B 43 2.74 11.57 -12.80
CA ILE B 43 4.01 11.98 -13.34
C ILE B 43 4.65 13.15 -12.57
N LEU B 44 3.89 14.24 -12.43
CA LEU B 44 4.39 15.42 -11.72
C LEU B 44 4.73 15.15 -10.26
N SER B 45 4.16 14.09 -9.69
CA SER B 45 4.40 13.73 -8.31
C SER B 45 5.51 12.70 -8.16
N GLN B 46 5.40 11.59 -8.91
CA GLN B 46 6.35 10.48 -8.81
C GLN B 46 7.48 10.38 -9.82
N ALA B 47 7.55 11.26 -10.82
CA ALA B 47 8.61 11.07 -11.82
C ALA B 47 9.10 12.30 -12.56
N ASP B 48 9.82 12.03 -13.64
CA ASP B 48 10.36 13.06 -14.50
C ASP B 48 9.28 13.49 -15.48
N PRO B 49 8.81 14.75 -15.39
CA PRO B 49 7.77 15.33 -16.24
C PRO B 49 8.25 15.59 -17.66
N GLY B 50 9.56 15.78 -17.82
CA GLY B 50 10.17 16.07 -19.11
C GLY B 50 9.62 15.35 -20.33
N PRO B 51 9.91 14.05 -20.47
CA PRO B 51 9.47 13.21 -21.59
C PRO B 51 8.04 13.46 -22.04
N LEU B 52 7.08 13.15 -21.17
CA LEU B 52 5.67 13.33 -21.48
C LEU B 52 5.30 14.75 -21.90
N LEU B 53 5.76 15.74 -21.13
CA LEU B 53 5.45 17.12 -21.45
C LEU B 53 6.03 17.51 -22.80
N PHE B 54 7.23 16.98 -23.11
CA PHE B 54 7.85 17.29 -24.39
C PHE B 54 7.05 16.60 -25.48
N TYR B 55 6.54 15.41 -25.20
CA TYR B 55 5.77 14.69 -26.19
C TYR B 55 4.49 15.44 -26.55
N LEU B 56 3.78 15.92 -25.54
CA LEU B 56 2.52 16.62 -25.77
C LEU B 56 2.69 17.93 -26.55
N CYS B 57 3.63 18.78 -26.14
CA CYS B 57 3.83 20.05 -26.86
C CYS B 57 4.19 19.74 -28.31
N SER B 58 5.09 18.77 -28.50
CA SER B 58 5.49 18.37 -29.83
C SER B 58 4.31 17.81 -30.61
N GLU B 59 3.27 17.38 -29.90
CA GLU B 59 2.10 16.83 -30.57
C GLU B 59 1.27 17.99 -31.10
N VAL B 60 1.24 19.06 -30.32
CA VAL B 60 0.50 20.25 -30.71
C VAL B 60 1.16 20.85 -31.93
N TYR B 61 2.49 20.76 -32.00
CA TYR B 61 3.23 21.29 -33.14
C TYR B 61 2.88 20.47 -34.38
N GLN B 62 3.02 19.16 -34.29
CA GLN B 62 2.73 18.27 -35.41
C GLN B 62 1.34 18.50 -36.01
N GLN B 63 0.42 19.02 -35.20
CA GLN B 63 -0.95 19.26 -35.63
C GLN B 63 -1.24 20.75 -35.88
N THR B 64 -0.33 21.62 -35.45
CA THR B 64 -0.49 23.06 -35.64
C THR B 64 -0.03 23.44 -37.03
N ASN B 65 -0.83 24.29 -37.68
CA ASN B 65 -0.54 24.76 -39.03
C ASN B 65 0.77 25.54 -39.11
N PRO B 66 1.64 25.19 -40.08
CA PRO B 66 2.92 25.89 -40.23
C PRO B 66 2.65 27.38 -40.43
N LYS B 67 3.20 28.20 -39.53
CA LYS B 67 3.02 29.65 -39.61
C LYS B 67 3.65 30.33 -38.40
N SER B 69 3.03 28.70 -35.64
CA SER B 69 3.72 27.45 -35.35
C SER B 69 5.15 27.68 -34.90
N ARG B 70 5.80 28.70 -35.48
CA ARG B 70 7.18 29.05 -35.17
C ARG B 70 7.43 29.29 -33.67
N SER B 71 6.62 30.15 -33.07
CA SER B 71 6.75 30.47 -31.65
C SER B 71 6.82 29.22 -30.78
N LEU B 72 5.87 28.32 -30.98
CA LEU B 72 5.82 27.09 -30.21
C LEU B 72 7.14 26.35 -30.34
N GLY B 73 7.49 25.97 -31.57
CA GLY B 73 8.74 25.27 -31.81
C GLY B 73 9.89 25.92 -31.06
N LYS B 74 9.91 27.24 -31.03
CA LYS B 74 10.97 27.97 -30.36
C LYS B 74 10.98 27.67 -28.87
N ASP B 75 9.81 27.74 -28.24
CA ASP B 75 9.71 27.47 -26.81
C ASP B 75 10.03 26.03 -26.48
N ILE B 76 9.66 25.11 -27.37
CA ILE B 76 9.94 23.70 -27.15
C ILE B 76 11.45 23.47 -27.08
N TRP B 77 12.20 24.16 -27.94
CA TRP B 77 13.65 24.03 -27.92
C TRP B 77 14.28 24.46 -26.61
N ASN B 78 13.88 25.64 -26.12
CA ASN B 78 14.44 26.15 -24.87
C ASN B 78 13.98 25.42 -23.61
N ILE B 79 12.78 24.86 -23.64
CA ILE B 79 12.25 24.17 -22.48
C ILE B 79 12.65 22.70 -22.36
N PHE B 80 12.82 22.03 -23.49
CA PHE B 80 13.16 20.62 -23.48
C PHE B 80 14.48 20.16 -24.12
N LEU B 81 14.83 20.72 -25.28
CA LEU B 81 16.01 20.27 -26.01
C LEU B 81 17.39 20.92 -25.86
N GLU B 82 17.44 22.23 -25.65
CA GLU B 82 18.74 22.90 -25.56
C GLU B 82 19.55 22.59 -24.30
N LYS B 83 20.85 22.88 -24.38
CA LYS B 83 21.82 22.66 -23.30
C LYS B 83 21.25 22.67 -21.88
N ASN B 84 21.09 23.86 -21.32
CA ASN B 84 20.57 24.02 -19.96
C ASN B 84 19.06 24.19 -19.87
N ALA B 85 18.32 23.31 -20.53
CA ALA B 85 16.87 23.36 -20.52
C ALA B 85 16.35 22.94 -19.15
N PRO B 86 15.35 23.67 -18.63
CA PRO B 86 14.75 23.38 -17.33
C PRO B 86 14.21 21.96 -17.21
N LEU B 87 13.48 21.53 -18.24
CA LEU B 87 12.92 20.19 -18.25
C LEU B 87 13.58 19.44 -19.40
N ARG B 88 14.88 19.63 -19.54
CA ARG B 88 15.61 18.99 -20.62
C ARG B 88 15.32 17.50 -20.68
N VAL B 89 15.07 17.03 -21.89
CA VAL B 89 14.78 15.63 -22.11
C VAL B 89 16.00 15.05 -22.84
N LYS B 90 16.26 13.76 -22.69
CA LYS B 90 17.41 13.14 -23.34
C LYS B 90 17.05 12.38 -24.61
N ILE B 91 17.59 12.84 -25.73
CA ILE B 91 17.37 12.20 -27.01
C ILE B 91 18.73 12.05 -27.69
N PRO B 92 18.82 11.22 -28.72
CA PRO B 92 20.10 11.03 -29.43
C PRO B 92 20.65 12.38 -29.89
N GLU B 93 21.92 12.64 -29.57
CA GLU B 93 22.58 13.90 -29.91
C GLU B 93 22.42 14.32 -31.37
N MET B 94 22.51 13.33 -32.27
CA MET B 94 22.40 13.59 -33.69
C MET B 94 21.08 14.30 -33.98
N LEU B 95 20.01 13.71 -33.47
CA LEU B 95 18.67 14.23 -33.66
C LEU B 95 18.55 15.64 -33.08
N GLN B 96 19.30 15.91 -32.02
CA GLN B 96 19.24 17.24 -31.41
C GLN B 96 19.89 18.30 -32.33
N ALA B 97 21.09 17.97 -32.82
CA ALA B 97 21.83 18.87 -33.70
C ALA B 97 20.99 19.19 -34.93
N GLU B 98 20.36 18.17 -35.49
CA GLU B 98 19.53 18.36 -36.67
C GLU B 98 18.30 19.23 -36.40
N ILE B 99 17.62 18.98 -35.29
CA ILE B 99 16.45 19.76 -34.94
C ILE B 99 16.86 21.23 -34.82
N ASP B 100 17.95 21.44 -34.10
CA ASP B 100 18.48 22.79 -33.89
C ASP B 100 18.79 23.52 -35.19
N LEU B 101 19.30 22.78 -36.17
CA LEU B 101 19.63 23.37 -37.46
C LEU B 101 18.36 23.96 -38.06
N ARG B 102 17.35 23.11 -38.21
CA ARG B 102 16.06 23.54 -38.75
C ARG B 102 15.46 24.54 -37.78
N ARG B 104 17.00 27.06 -36.91
CA ARG B 104 17.96 28.06 -37.34
C ARG B 104 17.76 28.46 -38.80
N ASN B 105 17.64 27.47 -39.68
CA ASN B 105 17.42 27.75 -41.09
C ASN B 105 15.93 27.95 -41.32
N ASN B 106 15.20 28.02 -40.21
CA ASN B 106 13.75 28.20 -40.20
C ASN B 106 13.04 27.27 -41.20
N GLU B 107 13.45 26.00 -41.24
CA GLU B 107 12.84 25.03 -42.14
C GLU B 107 11.85 24.13 -41.39
N ASP B 108 11.30 23.15 -42.08
CA ASP B 108 10.35 22.21 -41.48
C ASP B 108 11.06 21.19 -40.58
N PRO B 109 10.77 21.21 -39.28
CA PRO B 109 11.39 20.27 -38.35
C PRO B 109 10.53 19.07 -37.98
N ARG B 110 9.23 19.17 -38.22
CA ARG B 110 8.28 18.11 -37.89
C ARG B 110 8.77 16.68 -38.09
N ASN B 111 9.48 16.45 -39.20
CA ASN B 111 10.01 15.13 -39.49
C ASN B 111 11.00 14.61 -38.45
N VAL B 112 11.94 15.45 -38.05
CA VAL B 112 12.95 15.06 -37.09
C VAL B 112 12.50 15.25 -35.64
N LEU B 113 11.49 16.08 -35.47
CA LEU B 113 10.94 16.33 -34.15
C LEU B 113 10.10 15.10 -33.76
N CYS B 114 9.59 14.40 -34.77
CA CYS B 114 8.78 13.21 -34.55
C CYS B 114 9.65 12.03 -34.14
N GLU B 115 10.92 12.06 -34.54
CA GLU B 115 11.85 11.00 -34.16
C GLU B 115 12.23 11.25 -32.70
N ALA B 116 12.31 12.52 -32.34
CA ALA B 116 12.66 12.90 -30.98
C ALA B 116 11.54 12.38 -30.07
N GLN B 117 10.30 12.52 -30.55
CA GLN B 117 9.11 12.08 -29.82
C GLN B 117 9.12 10.57 -29.63
N GLU B 118 9.60 9.84 -30.63
CA GLU B 118 9.65 8.39 -30.51
C GLU B 118 10.77 7.95 -29.60
N ALA B 119 11.85 8.70 -29.56
CA ALA B 119 12.99 8.36 -28.74
C ALA B 119 12.62 8.41 -27.26
N VAL B 120 11.72 9.33 -26.94
CA VAL B 120 11.31 9.55 -25.57
C VAL B 120 10.12 8.64 -25.19
N MET B 121 9.55 7.99 -26.19
CA MET B 121 8.43 7.10 -26.01
C MET B 121 8.70 5.93 -25.05
N LEU B 122 9.87 5.30 -25.18
CA LEU B 122 10.22 4.18 -24.30
C LEU B 122 10.10 4.58 -22.83
N GLU B 123 10.55 5.80 -22.53
CA GLU B 123 10.49 6.33 -21.16
C GLU B 123 9.03 6.56 -20.75
N ILE B 124 8.24 7.10 -21.68
CA ILE B 124 6.83 7.34 -21.41
C ILE B 124 6.10 6.03 -21.16
N GLN B 125 6.55 4.96 -21.84
CA GLN B 125 5.95 3.63 -21.65
C GLN B 125 6.27 3.11 -20.26
N GLU B 126 7.55 3.13 -19.89
CA GLU B 126 7.96 2.67 -18.58
C GLU B 126 7.06 3.31 -17.53
N GLN B 127 6.83 4.63 -17.64
CA GLN B 127 5.99 5.37 -16.70
C GLN B 127 4.52 4.93 -16.78
N ILE B 128 4.09 4.52 -17.96
CA ILE B 128 2.74 4.03 -18.17
C ILE B 128 2.64 2.73 -17.39
N ASN B 129 3.63 1.87 -17.60
CA ASN B 129 3.66 0.57 -16.93
C ASN B 129 3.74 0.82 -15.42
N ASP B 130 4.50 1.86 -15.07
CA ASP B 130 4.68 2.24 -13.68
C ASP B 130 3.39 2.58 -12.97
N TYR B 131 2.57 3.45 -13.60
CA TYR B 131 1.31 3.87 -13.00
C TYR B 131 0.29 2.75 -12.98
N ARG B 132 0.37 1.85 -13.95
CA ARG B 132 -0.56 0.74 -14.00
C ARG B 132 -0.28 -0.17 -12.82
N SER B 133 0.99 -0.26 -12.44
CA SER B 133 1.39 -1.08 -11.32
C SER B 133 0.79 -0.47 -10.05
N LYS B 134 0.78 0.86 -10.00
CA LYS B 134 0.24 1.58 -8.86
C LYS B 134 -1.28 1.38 -8.79
N ARG B 135 -1.92 1.25 -9.95
CA ARG B 135 -3.37 1.03 -9.98
C ARG B 135 -3.67 -0.35 -9.42
N THR B 136 -2.72 -1.28 -9.64
CA THR B 136 -2.85 -2.65 -9.16
C THR B 136 -2.73 -2.67 -7.64
N LEU B 137 -1.89 -1.78 -7.10
CA LEU B 137 -1.70 -1.67 -5.66
C LEU B 137 -2.93 -0.99 -5.07
N GLY B 138 -3.91 -0.71 -5.90
CA GLY B 138 -5.14 -0.07 -5.46
C GLY B 138 -4.95 1.38 -5.03
N LEU B 139 -3.89 2.02 -5.52
CA LEU B 139 -3.60 3.39 -5.14
C LEU B 139 -3.89 4.42 -6.24
N GLY B 140 -4.74 4.06 -7.19
CA GLY B 140 -5.08 4.98 -8.26
C GLY B 140 -5.71 6.26 -7.74
N SER B 141 -6.54 6.14 -6.71
CA SER B 141 -7.24 7.29 -6.11
C SER B 141 -6.31 8.35 -5.54
N LEU B 142 -5.09 7.96 -5.18
CA LEU B 142 -4.12 8.90 -4.64
C LEU B 142 -3.71 9.90 -5.71
N TYR B 143 -4.18 9.70 -6.93
CA TYR B 143 -3.83 10.62 -8.01
C TYR B 143 -5.03 11.17 -8.74
N GLY B 144 -6.18 11.18 -8.06
CA GLY B 144 -7.38 11.71 -8.66
C GLY B 144 -8.20 10.72 -9.48
N GLU B 145 -7.78 9.47 -9.50
CA GLU B 145 -8.51 8.47 -10.27
C GLU B 145 -9.98 8.39 -9.84
N ASN B 146 -10.26 8.80 -8.60
CA ASN B 146 -11.63 8.76 -8.10
C ASN B 146 -12.55 9.75 -8.80
N ASP B 147 -11.96 10.63 -9.61
CA ASP B 147 -12.72 11.64 -10.36
C ASP B 147 -13.20 11.08 -11.68
N LEU B 148 -12.92 9.80 -11.92
CA LEU B 148 -13.32 9.17 -13.17
C LEU B 148 -14.58 8.32 -13.04
N LEU B 149 -14.97 8.06 -11.79
CA LEU B 149 -16.15 7.25 -11.49
C LEU B 149 -17.40 7.49 -12.34
N GLY B 150 -17.98 8.68 -12.26
CA GLY B 150 -19.17 8.97 -13.02
C GLY B 150 -18.96 9.41 -14.45
N LEU B 151 -18.21 8.65 -15.24
CA LEU B 151 -17.96 9.02 -16.63
C LEU B 151 -18.46 7.98 -17.62
N ASP B 152 -18.85 8.45 -18.80
CA ASP B 152 -19.34 7.59 -19.88
C ASP B 152 -18.80 8.07 -21.22
N GLY B 153 -18.33 7.13 -22.04
CA GLY B 153 -17.77 7.45 -23.34
C GLY B 153 -18.41 8.57 -24.15
N ASP B 154 -18.31 9.79 -23.65
CA ASP B 154 -18.90 10.97 -24.31
C ASP B 154 -17.92 12.14 -24.25
N PRO B 155 -17.34 12.50 -25.42
CA PRO B 155 -16.38 13.61 -25.49
C PRO B 155 -16.67 14.78 -24.56
N LEU B 156 -17.62 15.62 -24.95
CA LEU B 156 -18.01 16.82 -24.20
C LEU B 156 -18.14 16.68 -22.67
N ARG B 157 -18.83 15.66 -22.19
CA ARG B 157 -18.98 15.46 -20.75
C ARG B 157 -17.64 15.17 -20.06
N GLU B 158 -16.87 14.24 -20.61
CA GLU B 158 -15.58 13.91 -20.03
C GLU B 158 -14.68 15.14 -19.93
N ARG B 159 -14.53 15.85 -21.06
CA ARG B 159 -13.68 17.04 -21.09
C ARG B 159 -14.23 18.17 -20.23
N GLN B 160 -15.25 17.86 -19.43
CA GLN B 160 -15.84 18.83 -18.52
C GLN B 160 -15.18 18.58 -17.17
N MET B 161 -14.90 17.31 -16.91
CA MET B 161 -14.23 16.89 -15.68
C MET B 161 -12.75 17.24 -15.80
N ALA B 162 -12.29 17.46 -17.03
CA ALA B 162 -10.90 17.81 -17.30
C ALA B 162 -10.57 19.06 -16.50
N GLU B 163 -11.50 20.02 -16.51
CA GLU B 163 -11.33 21.23 -15.75
C GLU B 163 -11.59 20.75 -14.32
N LYS B 164 -11.34 21.59 -13.32
CA LYS B 164 -11.55 21.17 -11.94
C LYS B 164 -10.41 20.20 -11.61
N GLN B 165 -10.22 19.21 -12.49
CA GLN B 165 -9.14 18.23 -12.35
C GLN B 165 -7.85 18.99 -12.61
N LEU B 166 -7.88 19.80 -13.67
CA LEU B 166 -6.74 20.60 -14.08
C LEU B 166 -6.38 21.68 -13.06
N ALA B 167 -7.26 21.89 -12.09
CA ALA B 167 -7.01 22.87 -11.04
C ALA B 167 -6.34 22.20 -9.84
N ALA B 168 -6.55 20.89 -9.73
CA ALA B 168 -5.97 20.09 -8.65
C ALA B 168 -4.51 19.80 -8.95
N LEU B 169 -4.01 20.38 -10.03
CA LEU B 169 -2.62 20.20 -10.42
C LEU B 169 -1.77 21.28 -9.76
N GLY B 170 -2.33 22.48 -9.61
CA GLY B 170 -1.60 23.55 -8.97
C GLY B 170 -1.07 23.09 -7.63
N ASP B 171 -1.76 22.13 -7.04
CA ASP B 171 -1.39 21.57 -5.73
C ASP B 171 -0.02 20.90 -5.78
N ILE B 172 0.29 20.29 -6.92
CA ILE B 172 1.56 19.59 -7.10
C ILE B 172 2.59 20.52 -7.76
N LEU B 173 2.13 21.33 -8.69
CA LEU B 173 3.01 22.27 -9.38
C LEU B 173 3.68 23.19 -8.37
N SER B 174 2.84 23.89 -7.61
CA SER B 174 3.31 24.85 -6.59
C SER B 174 4.47 24.36 -5.74
N LYS B 175 4.65 23.04 -5.63
CA LYS B 175 5.74 22.53 -4.81
C LYS B 175 6.97 22.26 -5.67
N TYR B 176 7.10 23.08 -6.70
CA TYR B 176 8.21 23.02 -7.63
C TYR B 176 8.75 24.46 -7.75
N GLU B 177 10.06 24.60 -7.86
CA GLU B 177 10.65 25.93 -7.98
C GLU B 177 10.07 26.60 -9.23
N GLU B 178 10.16 27.92 -9.30
CA GLU B 178 9.60 28.67 -10.42
C GLU B 178 10.19 28.37 -11.80
N ASP B 179 11.48 28.07 -11.88
CA ASP B 179 12.09 27.78 -13.18
C ASP B 179 11.68 26.42 -13.74
N ARG B 180 10.98 25.63 -12.93
CA ARG B 180 10.50 24.32 -13.35
C ARG B 180 8.97 24.27 -13.37
N SER B 181 8.34 24.83 -12.35
CA SER B 181 6.89 24.83 -12.28
C SER B 181 6.31 25.68 -13.40
N ALA B 182 6.99 26.76 -13.74
CA ALA B 182 6.53 27.65 -14.81
C ALA B 182 6.44 26.89 -16.13
N PRO B 183 7.58 26.37 -16.64
CA PRO B 183 7.53 25.63 -17.90
C PRO B 183 6.53 24.47 -17.86
N MET B 184 6.46 23.78 -16.74
CA MET B 184 5.50 22.67 -16.61
C MET B 184 4.08 23.17 -16.87
N ASP B 185 3.66 24.18 -16.12
CA ASP B 185 2.33 24.75 -16.29
C ASP B 185 2.16 25.15 -17.76
N PHE B 186 3.23 25.69 -18.35
CA PHE B 186 3.19 26.10 -19.76
C PHE B 186 2.90 24.87 -20.63
N ALA B 187 3.64 23.79 -20.38
CA ALA B 187 3.49 22.57 -21.17
C ALA B 187 2.11 21.94 -21.05
N VAL B 188 1.66 21.77 -19.81
CA VAL B 188 0.35 21.17 -19.55
C VAL B 188 -0.77 21.88 -20.30
N ASN B 189 -0.85 23.20 -20.11
CA ASN B 189 -1.89 24.00 -20.74
C ASN B 189 -1.80 24.06 -22.26
N THR B 190 -0.58 24.02 -22.79
CA THR B 190 -0.40 24.07 -24.22
C THR B 190 -1.16 22.89 -24.84
N PHE B 191 -1.00 21.70 -24.26
CA PHE B 191 -1.70 20.53 -24.79
C PHE B 191 -3.17 20.50 -24.37
N MET B 192 -3.45 20.87 -23.13
CA MET B 192 -4.84 20.87 -22.67
C MET B 192 -5.64 21.83 -23.53
N SER B 193 -5.07 23.01 -23.80
CA SER B 193 -5.73 24.01 -24.62
C SER B 193 -6.02 23.46 -26.02
N HIS B 194 -5.08 22.70 -26.57
CA HIS B 194 -5.26 22.11 -27.89
C HIS B 194 -6.28 20.97 -27.83
N ALA B 195 -6.52 20.48 -26.61
CA ALA B 195 -7.49 19.41 -26.41
C ALA B 195 -8.82 20.07 -26.05
N GLY B 196 -8.76 21.38 -25.84
CA GLY B 196 -9.94 22.16 -25.52
C GLY B 196 -10.41 22.00 -24.10
N ILE B 197 -9.69 22.60 -23.14
CA ILE B 197 -10.08 22.50 -21.74
C ILE B 197 -9.98 23.87 -21.06
MG MG C . -6.20 -1.77 9.97
PB GDP D . -3.59 -4.67 10.14
O1B GDP D . -2.46 -3.92 9.48
O2B GDP D . -4.43 -3.73 10.95
O3B GDP D . -4.40 -5.45 9.13
O3A GDP D . -2.86 -5.74 11.08
PA GDP D . -3.49 -6.07 12.51
O1A GDP D . -3.21 -4.97 13.49
O2A GDP D . -4.92 -6.42 12.44
O5' GDP D . -2.66 -7.39 12.90
C5' GDP D . -2.75 -8.65 12.21
C4' GDP D . -2.50 -9.70 13.29
O4' GDP D . -1.14 -9.65 13.76
C3' GDP D . -3.33 -9.45 14.55
O3' GDP D . -3.68 -10.70 15.11
C2' GDP D . -2.38 -8.75 15.52
O2' GDP D . -2.70 -8.95 16.89
C1' GDP D . -1.09 -9.45 15.18
N9 GDP D . 0.13 -8.64 15.39
C8 GDP D . 0.36 -7.34 15.05
N7 GDP D . 1.63 -6.96 15.36
C5 GDP D . 2.24 -8.04 15.89
C6 GDP D . 3.59 -8.39 16.43
O6 GDP D . 4.55 -7.60 16.49
N1 GDP D . 3.76 -9.62 16.86
C2 GDP D . 2.83 -10.58 16.88
N2 GDP D . 3.18 -11.79 17.38
N3 GDP D . 1.59 -10.36 16.41
C4 GDP D . 1.25 -9.14 15.89
#